data_5X67
#
_entry.id   5X67
#
_cell.length_a   108.290
_cell.length_b   108.290
_cell.length_c   106.034
_cell.angle_alpha   90.000
_cell.angle_beta   90.000
_cell.angle_gamma   90.000
#
_symmetry.space_group_name_H-M   'P 41 2 2'
#
loop_
_entity.id
_entity.type
_entity.pdbx_description
1 polymer 'Thymidylate synthase'
2 non-polymer "2'-DEOXYURIDINE 5'-MONOPHOSPHATE"
3 non-polymer 2-azanyl-6-methyl-5-pyridin-4-ylsulfanyl-3H-quinazolin-4-one
4 water water
#
_entity_poly.entity_id   1
_entity_poly.type   'polypeptide(L)'
_entity_poly.pdbx_seq_one_letter_code
;SMPPHGELQYLGQIQHILRCGVRKDDRTGTGTLSVFGMQARYSLRDEFPLLTTKRVFWKGVLEELLWFIKGSTNAKELSS
KGVKIWDANGSRDFLDSLGFSTREEGDLGPVYGFQWRHFGAEYRDMESDYSGQGVDQLQRVIDTIKTNPDDRRIIMCAWN
PRDLPLMALPPCHALCQFYVVNSELSCQLYQRSGDMGLGVPFNIASYALLTYMIAHITGLKPGDFIHTLGDAHIYLNHIE
PLKIQLQREPRPFPKLRILRKVEKIDDFKAEDFQIEGYNPHPTIKMEMAV
;
_entity_poly.pdbx_strand_id   A,B
#
loop_
_chem_comp.id
_chem_comp.type
_chem_comp.name
_chem_comp.formula
7Z9 non-polymer 2-azanyl-6-methyl-5-pyridin-4-ylsulfanyl-3H-quinazolin-4-one 'C14 H12 N4 O S'
UMP non-polymer '2'-DEOXYURIDINE 5'-MONOPHOSPHATE' 'C9 H13 N2 O8 P'
#
# COMPACT_ATOMS: atom_id res chain seq x y z
N HIS A 5 5.78 -25.72 -2.98
CA HIS A 5 4.64 -25.39 -2.03
C HIS A 5 4.63 -23.87 -1.63
N GLY A 6 3.52 -23.15 -1.87
CA GLY A 6 3.36 -21.77 -1.38
C GLY A 6 3.63 -21.48 0.10
N GLU A 7 3.30 -22.44 0.96
CA GLU A 7 3.46 -22.29 2.39
C GLU A 7 4.90 -22.00 2.82
N LEU A 8 5.85 -22.46 1.99
CA LEU A 8 7.30 -22.25 2.23
C LEU A 8 7.68 -20.79 2.17
N GLN A 9 6.95 -19.97 1.45
CA GLN A 9 7.19 -18.53 1.60
C GLN A 9 6.79 -17.94 2.93
N TYR A 10 5.67 -18.37 3.51
CA TYR A 10 5.40 -17.92 4.86
C TYR A 10 6.47 -18.41 5.85
N LEU A 11 6.76 -19.70 5.83
CA LEU A 11 7.81 -20.23 6.71
C LEU A 11 9.17 -19.59 6.46
N GLY A 12 9.48 -19.25 5.23
CA GLY A 12 10.75 -18.52 4.94
C GLY A 12 10.76 -17.16 5.55
N GLN A 13 9.61 -16.47 5.56
CA GLN A 13 9.56 -15.16 6.21
C GLN A 13 9.78 -15.27 7.71
N ILE A 14 9.17 -16.30 8.33
CA ILE A 14 9.36 -16.46 9.74
C ILE A 14 10.83 -16.66 10.05
N GLN A 15 11.48 -17.51 9.29
CA GLN A 15 12.90 -17.73 9.55
C GLN A 15 13.77 -16.52 9.20
N HIS A 16 13.46 -15.78 8.14
CA HIS A 16 14.13 -14.50 7.88
C HIS A 16 14.05 -13.55 9.10
N ILE A 17 12.88 -13.46 9.74
CA ILE A 17 12.77 -12.58 10.89
C ILE A 17 13.48 -13.13 12.11
N LEU A 18 13.40 -14.45 12.32
CA LEU A 18 14.09 -15.03 13.51
C LEU A 18 15.58 -14.75 13.46
N ARG A 19 16.18 -14.75 12.28
CA ARG A 19 17.58 -14.53 12.17
C ARG A 19 18.07 -13.15 11.78
N CYS A 20 17.32 -12.33 11.02
CA CYS A 20 17.74 -10.94 10.64
C CYS A 20 16.94 -9.83 11.34
N GLY A 21 15.89 -10.16 12.05
CA GLY A 21 15.01 -9.20 12.61
C GLY A 21 15.69 -8.48 13.74
N VAL A 22 15.23 -7.28 14.01
CA VAL A 22 15.81 -6.39 15.03
C VAL A 22 14.80 -6.28 16.14
N ARG A 23 15.34 -6.23 17.34
CA ARG A 23 14.57 -6.04 18.52
C ARG A 23 13.99 -4.66 18.50
N LYS A 24 12.72 -4.56 18.84
CA LYS A 24 12.00 -3.29 18.75
C LYS A 24 10.88 -3.39 19.78
N ASP A 25 10.81 -2.40 20.66
CA ASP A 25 9.64 -2.25 21.51
C ASP A 25 8.38 -1.90 20.71
N ASP A 26 7.22 -2.06 21.32
CA ASP A 26 5.99 -1.76 20.63
C ASP A 26 4.96 -1.21 21.58
N ARG A 27 3.93 -0.63 20.98
CA ARG A 27 2.74 -0.10 21.61
C ARG A 27 2.23 -1.02 22.73
N THR A 28 2.18 -2.33 22.45
CA THR A 28 1.65 -3.27 23.47
C THR A 28 2.53 -3.49 24.72
N GLY A 29 3.81 -3.09 24.72
CA GLY A 29 4.73 -3.43 25.81
C GLY A 29 5.32 -4.85 25.78
N THR A 30 5.02 -5.66 24.77
CA THR A 30 5.52 -7.05 24.67
C THR A 30 6.91 -7.15 24.08
N GLY A 31 7.27 -6.33 23.08
CA GLY A 31 8.53 -6.51 22.36
C GLY A 31 8.40 -7.46 21.17
N THR A 32 9.19 -7.20 20.13
CA THR A 32 9.07 -7.89 18.89
C THR A 32 10.43 -8.04 18.31
N LEU A 33 10.61 -9.03 17.45
CA LEU A 33 11.66 -9.04 16.49
C LEU A 33 10.99 -8.54 15.20
N SER A 34 11.62 -7.65 14.48
CA SER A 34 10.97 -7.02 13.36
C SER A 34 11.84 -6.77 12.12
N VAL A 35 11.23 -6.91 10.94
N VAL A 35 11.29 -6.98 10.92
CA VAL A 35 11.81 -6.56 9.66
CA VAL A 35 11.86 -6.45 9.69
C VAL A 35 10.83 -5.61 8.93
C VAL A 35 10.84 -5.53 9.01
N PHE A 36 11.34 -4.65 8.16
CA PHE A 36 10.51 -3.70 7.38
C PHE A 36 10.58 -3.99 5.92
N GLY A 37 9.46 -4.42 5.38
CA GLY A 37 9.31 -4.69 3.96
C GLY A 37 9.56 -6.14 3.57
N MET A 38 8.51 -6.86 3.21
CA MET A 38 8.63 -8.21 2.68
C MET A 38 7.48 -8.41 1.72
N GLN A 39 7.58 -9.46 0.90
CA GLN A 39 6.57 -9.74 -0.09
C GLN A 39 6.56 -11.22 -0.39
N ALA A 40 5.37 -11.80 -0.48
CA ALA A 40 5.24 -13.22 -0.76
C ALA A 40 4.15 -13.38 -1.77
N ARG A 41 4.22 -14.38 -2.63
CA ARG A 41 3.22 -14.59 -3.67
C ARG A 41 2.55 -15.96 -3.46
N TYR A 42 1.25 -16.06 -3.35
CA TYR A 42 0.55 -17.35 -3.16
C TYR A 42 -0.38 -17.57 -4.31
N SER A 43 -0.25 -18.73 -4.97
CA SER A 43 -1.10 -19.08 -6.10
C SER A 43 -2.46 -19.42 -5.62
N LEU A 44 -3.49 -18.97 -6.33
CA LEU A 44 -4.87 -19.34 -6.07
C LEU A 44 -5.39 -20.30 -7.14
N ARG A 45 -4.53 -20.73 -8.07
CA ARG A 45 -4.99 -21.54 -9.25
C ARG A 45 -5.22 -23.00 -8.79
N ASP A 46 -6.48 -23.38 -8.63
CA ASP A 46 -6.87 -24.74 -8.22
C ASP A 46 -6.41 -25.12 -6.83
N GLU A 47 -6.21 -24.11 -5.97
CA GLU A 47 -5.81 -24.33 -4.61
C GLU A 47 -6.13 -23.08 -3.77
N PHE A 48 -6.20 -23.26 -2.46
CA PHE A 48 -6.54 -22.20 -1.58
C PHE A 48 -5.52 -22.19 -0.43
N PRO A 49 -4.81 -21.05 -0.22
CA PRO A 49 -3.71 -21.01 0.71
C PRO A 49 -4.12 -20.87 2.17
N LEU A 50 -4.77 -21.89 2.70
CA LEU A 50 -5.04 -22.02 4.12
C LEU A 50 -3.90 -22.84 4.70
N LEU A 51 -3.07 -22.23 5.55
CA LEU A 51 -1.84 -22.92 6.03
C LEU A 51 -2.12 -24.26 6.70
N THR A 52 -1.23 -25.22 6.43
CA THR A 52 -1.28 -26.56 7.00
C THR A 52 -0.31 -26.87 8.11
N THR A 53 0.74 -26.06 8.30
CA THR A 53 1.63 -26.27 9.43
C THR A 53 1.01 -25.92 10.81
N LYS A 54 -0.13 -25.24 10.80
CA LYS A 54 -0.98 -25.10 12.00
C LYS A 54 -2.36 -24.82 11.51
N ARG A 55 -3.37 -25.26 12.23
CA ARG A 55 -4.71 -25.14 11.75
C ARG A 55 -5.07 -23.67 11.91
N VAL A 56 -5.57 -23.09 10.83
CA VAL A 56 -6.02 -21.75 10.83
C VAL A 56 -7.53 -21.79 11.07
N PHE A 57 -8.00 -20.79 11.79
CA PHE A 57 -9.39 -20.72 12.21
C PHE A 57 -10.30 -20.30 11.04
N TRP A 58 -10.62 -21.23 10.18
CA TRP A 58 -11.34 -20.94 8.93
C TRP A 58 -12.76 -20.32 9.19
N LYS A 59 -13.46 -20.88 10.18
CA LYS A 59 -14.75 -20.30 10.57
C LYS A 59 -14.59 -18.81 10.90
N GLY A 60 -13.56 -18.44 11.63
CA GLY A 60 -13.26 -17.05 11.89
C GLY A 60 -12.97 -16.23 10.62
N VAL A 61 -12.15 -16.78 9.72
CA VAL A 61 -11.86 -16.12 8.44
C VAL A 61 -13.14 -15.78 7.69
N LEU A 62 -13.98 -16.79 7.52
CA LEU A 62 -15.19 -16.67 6.76
C LEU A 62 -16.17 -15.69 7.45
N GLU A 63 -16.40 -15.86 8.74
CA GLU A 63 -17.34 -15.00 9.41
C GLU A 63 -16.78 -13.55 9.48
N GLU A 64 -15.48 -13.38 9.74
CA GLU A 64 -14.93 -12.01 9.75
C GLU A 64 -15.14 -11.34 8.39
N LEU A 65 -14.94 -12.06 7.30
CA LEU A 65 -15.12 -11.44 5.99
C LEU A 65 -16.59 -11.07 5.68
N LEU A 66 -17.53 -11.94 6.01
CA LEU A 66 -18.96 -11.65 5.84
C LEU A 66 -19.39 -10.42 6.62
N TRP A 67 -18.82 -10.28 7.79
CA TRP A 67 -18.98 -9.13 8.67
C TRP A 67 -18.41 -7.85 8.12
N PHE A 68 -17.22 -7.89 7.56
CA PHE A 68 -16.68 -6.72 6.83
C PHE A 68 -17.59 -6.30 5.67
N ILE A 69 -18.00 -7.29 4.90
CA ILE A 69 -18.83 -7.06 3.72
C ILE A 69 -20.17 -6.43 4.02
N LYS A 70 -20.83 -6.86 5.08
CA LYS A 70 -22.07 -6.28 5.62
C LYS A 70 -21.88 -4.81 6.08
N GLY A 71 -20.67 -4.37 6.32
CA GLY A 71 -20.37 -3.01 6.73
C GLY A 71 -20.31 -2.87 8.26
N SER A 72 -20.27 -3.97 9.02
CA SER A 72 -20.40 -3.90 10.49
C SER A 72 -19.07 -3.46 11.10
N THR A 73 -19.18 -2.67 12.16
CA THR A 73 -18.08 -2.23 12.99
C THR A 73 -18.31 -2.67 14.46
N ASN A 74 -19.20 -3.63 14.65
CA ASN A 74 -19.54 -4.07 16.01
C ASN A 74 -18.90 -5.42 16.31
N ALA A 75 -17.90 -5.43 17.14
CA ALA A 75 -17.26 -6.67 17.53
C ALA A 75 -18.20 -7.67 18.19
N LYS A 76 -19.27 -7.22 18.86
CA LYS A 76 -20.21 -8.22 19.49
C LYS A 76 -20.96 -9.09 18.42
N GLU A 77 -21.19 -8.50 17.28
CA GLU A 77 -21.84 -9.19 16.17
C GLU A 77 -20.96 -10.33 15.68
N LEU A 78 -19.66 -10.10 15.67
CA LEU A 78 -18.73 -11.18 15.31
C LEU A 78 -18.57 -12.17 16.45
N SER A 79 -18.42 -11.62 17.65
CA SER A 79 -18.28 -12.45 18.82
C SER A 79 -19.47 -13.46 18.98
N SER A 80 -20.68 -13.06 18.63
CA SER A 80 -21.86 -13.92 18.76
C SER A 80 -21.93 -15.02 17.68
N LYS A 81 -21.06 -14.96 16.66
CA LYS A 81 -20.87 -16.12 15.77
C LYS A 81 -19.81 -17.06 16.29
N GLY A 82 -19.24 -16.85 17.48
CA GLY A 82 -18.15 -17.69 17.91
C GLY A 82 -16.72 -17.25 17.53
N VAL A 83 -16.56 -16.01 17.08
CA VAL A 83 -15.27 -15.51 16.66
C VAL A 83 -14.88 -14.32 17.52
N LYS A 84 -13.89 -14.50 18.37
CA LYS A 84 -13.62 -13.57 19.46
C LYS A 84 -12.43 -12.72 19.22
N ILE A 85 -11.96 -12.67 17.97
CA ILE A 85 -10.68 -11.98 17.59
C ILE A 85 -10.65 -10.46 17.78
N TRP A 86 -11.81 -9.84 17.72
CA TRP A 86 -11.94 -8.43 17.98
C TRP A 86 -12.46 -8.06 19.33
N ASP A 87 -12.69 -9.03 20.20
CA ASP A 87 -13.29 -8.70 21.52
C ASP A 87 -12.40 -7.89 22.42
N ALA A 88 -11.11 -8.26 22.48
CA ALA A 88 -10.16 -7.49 23.31
C ALA A 88 -10.06 -5.98 22.86
N ASN A 89 -10.00 -5.72 21.54
CA ASN A 89 -9.93 -4.33 21.08
C ASN A 89 -11.22 -3.54 21.10
N GLY A 90 -12.32 -4.23 21.35
CA GLY A 90 -13.62 -3.56 21.51
C GLY A 90 -14.11 -3.51 22.95
N SER A 91 -13.33 -4.02 23.87
CA SER A 91 -13.76 -4.08 25.25
C SER A 91 -13.82 -2.68 25.87
N ARG A 92 -14.63 -2.58 26.92
CA ARG A 92 -14.72 -1.42 27.81
C ARG A 92 -13.33 -0.86 28.20
N ASP A 93 -12.44 -1.71 28.71
CA ASP A 93 -11.14 -1.26 29.14
C ASP A 93 -10.34 -0.71 27.98
N PHE A 94 -10.42 -1.35 26.80
CA PHE A 94 -9.56 -0.93 25.70
C PHE A 94 -10.09 0.38 25.16
N LEU A 95 -11.42 0.44 25.00
CA LEU A 95 -12.02 1.61 24.48
C LEU A 95 -11.78 2.82 25.43
N ASP A 96 -11.85 2.58 26.74
CA ASP A 96 -11.58 3.65 27.73
C ASP A 96 -10.13 4.14 27.65
N SER A 97 -9.19 3.26 27.39
CA SER A 97 -7.78 3.66 27.24
C SER A 97 -7.49 4.59 26.06
N LEU A 98 -8.31 4.58 25.04
CA LEU A 98 -8.21 5.53 23.92
C LEU A 98 -9.09 6.76 24.17
N GLY A 99 -9.80 6.79 25.31
CA GLY A 99 -10.63 7.89 25.61
C GLY A 99 -12.01 7.83 25.05
N PHE A 100 -12.48 6.68 24.57
CA PHE A 100 -13.89 6.55 24.13
C PHE A 100 -14.84 6.11 25.30
N SER A 101 -14.85 6.89 26.38
CA SER A 101 -15.62 6.61 27.64
C SER A 101 -17.09 6.37 27.42
N THR A 102 -17.70 7.03 26.45
CA THR A 102 -19.15 6.94 26.28
C THR A 102 -19.55 6.00 25.13
N ARG A 103 -18.57 5.38 24.52
CA ARG A 103 -18.83 4.40 23.52
C ARG A 103 -19.23 3.04 24.10
N GLU A 104 -20.28 2.45 23.53
CA GLU A 104 -20.74 1.10 23.87
C GLU A 104 -19.60 0.09 23.62
N GLU A 105 -19.49 -0.89 24.52
CA GLU A 105 -18.63 -2.02 24.30
C GLU A 105 -18.93 -2.68 22.92
N GLY A 106 -17.87 -3.05 22.22
CA GLY A 106 -17.90 -3.62 20.87
C GLY A 106 -17.87 -2.63 19.72
N ASP A 107 -18.11 -1.34 19.99
CA ASP A 107 -18.03 -0.29 18.93
C ASP A 107 -16.57 0.06 18.55
N LEU A 108 -16.07 -0.57 17.49
CA LEU A 108 -14.69 -0.41 17.07
C LEU A 108 -14.47 0.93 16.33
N GLY A 109 -15.55 1.66 16.01
CA GLY A 109 -15.45 2.89 15.32
C GLY A 109 -15.46 2.63 13.82
N PRO A 110 -15.07 3.62 13.02
CA PRO A 110 -15.16 3.51 11.55
C PRO A 110 -13.99 2.71 10.90
N VAL A 111 -13.92 1.42 11.19
CA VAL A 111 -12.86 0.52 10.71
C VAL A 111 -13.41 -0.17 9.44
N TYR A 112 -12.93 -1.37 9.09
CA TYR A 112 -12.96 -1.86 7.70
C TYR A 112 -14.29 -1.87 7.09
N GLY A 113 -15.25 -2.45 7.77
CA GLY A 113 -16.57 -2.55 7.21
C GLY A 113 -17.12 -1.21 6.78
N PHE A 114 -16.99 -0.23 7.66
CA PHE A 114 -17.46 1.08 7.39
C PHE A 114 -16.66 1.71 6.24
N GLN A 115 -15.35 1.58 6.23
CA GLN A 115 -14.57 2.27 5.17
C GLN A 115 -14.76 1.66 3.77
N TRP A 116 -14.91 0.36 3.72
CA TRP A 116 -15.18 -0.35 2.46
C TRP A 116 -16.54 -0.04 1.85
N ARG A 117 -17.57 0.14 2.67
CA ARG A 117 -18.91 0.35 2.12
C ARG A 117 -19.40 1.82 2.18
N HIS A 118 -18.74 2.67 2.95
CA HIS A 118 -19.23 4.02 3.24
C HIS A 118 -18.09 5.02 3.41
N PHE A 119 -17.05 4.86 2.62
CA PHE A 119 -15.88 5.70 2.82
C PHE A 119 -16.29 7.18 2.77
N GLY A 120 -15.83 7.94 3.73
CA GLY A 120 -16.13 9.38 3.74
C GLY A 120 -17.44 9.81 4.38
N ALA A 121 -18.29 8.85 4.78
CA ALA A 121 -19.48 9.16 5.54
C ALA A 121 -19.11 9.59 6.94
N GLU A 122 -20.03 10.26 7.62
CA GLU A 122 -19.77 10.70 8.98
C GLU A 122 -20.12 9.58 9.92
N TYR A 123 -19.17 9.06 10.69
CA TYR A 123 -19.47 7.98 11.60
C TYR A 123 -20.21 8.55 12.81
N ARG A 124 -21.21 7.85 13.30
CA ARG A 124 -21.93 8.19 14.54
C ARG A 124 -21.71 7.06 15.50
N ASP A 125 -22.46 5.98 15.40
CA ASP A 125 -22.13 4.78 16.13
C ASP A 125 -22.37 3.49 15.32
N MET A 126 -22.05 2.38 15.95
CA MET A 126 -22.13 1.11 15.24
C MET A 126 -23.54 0.72 14.82
N GLU A 127 -24.56 1.28 15.46
CA GLU A 127 -25.95 0.96 15.14
C GLU A 127 -26.63 1.86 14.12
N SER A 128 -26.01 2.99 13.75
CA SER A 128 -26.63 3.94 12.83
C SER A 128 -26.87 3.32 11.44
N ASP A 129 -27.74 3.98 10.71
CA ASP A 129 -28.06 3.62 9.35
C ASP A 129 -27.22 4.53 8.45
N TYR A 130 -26.36 3.91 7.63
CA TYR A 130 -25.48 4.59 6.69
C TYR A 130 -25.81 4.27 5.21
N SER A 131 -26.95 3.58 4.94
CA SER A 131 -27.42 3.29 3.56
C SER A 131 -27.26 4.44 2.65
N GLY A 132 -26.64 4.24 1.49
CA GLY A 132 -26.30 5.33 0.58
C GLY A 132 -25.39 6.50 1.01
N GLN A 133 -24.69 6.43 2.13
CA GLN A 133 -23.76 7.50 2.45
C GLN A 133 -22.33 6.96 2.18
N GLY A 134 -21.45 7.88 1.78
CA GLY A 134 -20.07 7.63 1.49
C GLY A 134 -19.91 6.81 0.23
N VAL A 135 -18.70 6.37 -0.02
CA VAL A 135 -18.38 5.68 -1.25
C VAL A 135 -18.34 4.16 -0.97
N ASP A 136 -19.05 3.43 -1.79
CA ASP A 136 -19.10 2.00 -1.68
C ASP A 136 -17.98 1.42 -2.51
N GLN A 137 -16.80 1.34 -1.88
CA GLN A 137 -15.61 0.98 -2.64
C GLN A 137 -15.71 -0.48 -3.13
N LEU A 138 -16.31 -1.34 -2.33
CA LEU A 138 -16.37 -2.73 -2.69
C LEU A 138 -17.17 -2.89 -3.93
N GLN A 139 -18.36 -2.30 -3.97
CA GLN A 139 -19.16 -2.41 -5.21
C GLN A 139 -18.49 -1.73 -6.46
N ARG A 140 -17.80 -0.61 -6.29
CA ARG A 140 -17.03 -0.03 -7.34
C ARG A 140 -15.91 -0.91 -7.88
N VAL A 141 -15.18 -1.58 -7.02
CA VAL A 141 -14.18 -2.54 -7.47
C VAL A 141 -14.78 -3.59 -8.39
N ILE A 142 -15.93 -4.16 -7.96
CA ILE A 142 -16.63 -5.23 -8.73
C ILE A 142 -17.10 -4.70 -10.10
N ASP A 143 -17.71 -3.54 -10.09
CA ASP A 143 -18.19 -2.89 -11.30
C ASP A 143 -17.05 -2.59 -12.24
N THR A 144 -15.93 -2.11 -11.74
CA THR A 144 -14.76 -1.83 -12.63
C THR A 144 -14.17 -3.11 -13.27
N ILE A 145 -14.03 -4.15 -12.46
CA ILE A 145 -13.55 -5.42 -12.94
C ILE A 145 -14.46 -5.91 -14.10
N LYS A 146 -15.77 -5.76 -13.99
CA LYS A 146 -16.67 -6.20 -15.06
C LYS A 146 -16.59 -5.34 -16.30
N THR A 147 -16.36 -4.02 -16.21
CA THR A 147 -16.38 -3.18 -17.41
C THR A 147 -15.03 -2.75 -17.96
N ASN A 148 -14.03 -2.68 -17.10
CA ASN A 148 -12.70 -2.25 -17.51
C ASN A 148 -11.63 -3.08 -16.74
N PRO A 149 -11.54 -4.39 -17.04
CA PRO A 149 -10.61 -5.29 -16.32
C PRO A 149 -9.12 -4.89 -16.41
N ASP A 150 -8.71 -4.18 -17.45
CA ASP A 150 -7.35 -3.64 -17.53
C ASP A 150 -7.00 -2.46 -16.58
N ASP A 151 -7.98 -1.90 -15.90
CA ASP A 151 -7.80 -0.73 -15.05
C ASP A 151 -6.65 -1.00 -14.01
N ARG A 152 -5.78 -0.01 -13.83
CA ARG A 152 -4.70 -0.01 -12.87
C ARG A 152 -5.06 0.70 -11.58
N ARG A 153 -6.34 1.03 -11.43
CA ARG A 153 -6.84 1.78 -10.27
C ARG A 153 -7.87 0.99 -9.47
N ILE A 154 -7.84 -0.32 -9.49
CA ILE A 154 -8.88 -1.09 -8.83
C ILE A 154 -8.39 -1.35 -7.41
N ILE A 155 -8.71 -0.40 -6.56
CA ILE A 155 -8.20 -0.32 -5.22
C ILE A 155 -9.33 -0.15 -4.25
N MET A 156 -9.19 -0.80 -3.11
CA MET A 156 -10.04 -0.59 -1.95
C MET A 156 -9.14 -0.20 -0.78
N CYS A 157 -9.40 0.95 -0.21
CA CYS A 157 -8.59 1.56 0.84
C CYS A 157 -9.35 1.77 2.16
N ALA A 158 -8.85 1.16 3.24
CA ALA A 158 -9.41 1.31 4.58
C ALA A 158 -8.76 2.39 5.39
N TRP A 159 -7.61 2.86 4.93
CA TRP A 159 -6.88 3.85 5.68
C TRP A 159 -7.50 5.23 5.46
N ASN A 160 -8.10 5.81 6.49
CA ASN A 160 -8.76 7.07 6.32
C ASN A 160 -8.26 8.02 7.43
N PRO A 161 -7.28 8.85 7.12
CA PRO A 161 -6.65 9.73 8.08
C PRO A 161 -7.62 10.56 8.88
N ARG A 162 -8.70 11.01 8.27
CA ARG A 162 -9.68 11.81 8.98
C ARG A 162 -10.43 11.02 10.09
N ASP A 163 -10.66 9.72 9.87
CA ASP A 163 -11.33 8.86 10.85
C ASP A 163 -10.44 8.14 11.85
N LEU A 164 -9.13 8.10 11.64
CA LEU A 164 -8.21 7.44 12.56
C LEU A 164 -8.41 7.74 14.02
N PRO A 165 -8.68 9.01 14.37
CA PRO A 165 -8.91 9.27 15.81
C PRO A 165 -10.07 8.55 16.42
N LEU A 166 -11.00 8.02 15.63
CA LEU A 166 -12.19 7.35 16.14
C LEU A 166 -12.11 5.81 16.09
N MET A 167 -11.02 5.26 15.54
CA MET A 167 -10.86 3.82 15.35
C MET A 167 -10.25 3.18 16.54
N ALA A 168 -10.77 2.04 16.99
CA ALA A 168 -10.13 1.34 18.12
C ALA A 168 -8.77 0.81 17.70
N LEU A 169 -8.62 0.49 16.42
CA LEU A 169 -7.36 0.07 15.90
C LEU A 169 -7.34 0.52 14.44
N PRO A 170 -6.41 1.37 14.07
CA PRO A 170 -6.25 1.69 12.68
C PRO A 170 -5.99 0.43 11.88
N PRO A 171 -6.56 0.31 10.69
CA PRO A 171 -6.46 -0.90 9.90
C PRO A 171 -5.05 -1.36 9.67
N CYS A 172 -4.81 -2.63 9.99
CA CYS A 172 -3.58 -3.27 9.61
C CYS A 172 -3.47 -3.49 8.11
N HIS A 173 -4.60 -3.71 7.45
CA HIS A 173 -4.70 -3.91 5.98
C HIS A 173 -5.09 -2.64 5.38
N ALA A 174 -4.10 -1.83 5.06
CA ALA A 174 -4.37 -0.51 4.74
C ALA A 174 -5.06 -0.45 3.39
N LEU A 175 -4.67 -1.30 2.46
CA LEU A 175 -5.29 -1.26 1.17
C LEU A 175 -5.03 -2.51 0.38
N CYS A 176 -5.92 -2.78 -0.58
CA CYS A 176 -5.70 -3.86 -1.48
C CYS A 176 -5.99 -3.44 -2.87
N GLN A 177 -5.32 -4.09 -3.81
CA GLN A 177 -5.37 -3.77 -5.19
C GLN A 177 -5.71 -5.03 -5.98
N PHE A 178 -6.63 -4.92 -6.93
CA PHE A 178 -6.96 -6.00 -7.82
C PHE A 178 -6.38 -5.76 -9.22
N TYR A 179 -6.14 -6.85 -9.92
CA TYR A 179 -5.50 -6.88 -11.23
C TYR A 179 -6.11 -8.01 -12.05
N VAL A 180 -6.42 -7.71 -13.31
CA VAL A 180 -6.94 -8.72 -14.23
C VAL A 180 -6.17 -8.83 -15.51
N VAL A 181 -5.83 -10.05 -15.85
CA VAL A 181 -5.25 -10.34 -17.16
C VAL A 181 -5.59 -11.76 -17.56
N ASN A 182 -5.99 -11.95 -18.82
CA ASN A 182 -6.31 -13.32 -19.38
C ASN A 182 -7.39 -14.02 -18.59
N SER A 183 -8.43 -13.26 -18.25
CA SER A 183 -9.52 -13.78 -17.38
C SER A 183 -9.13 -14.33 -15.98
N GLU A 184 -7.97 -13.92 -15.50
CA GLU A 184 -7.47 -14.29 -14.18
C GLU A 184 -7.35 -13.03 -13.26
N LEU A 185 -8.00 -13.13 -12.10
CA LEU A 185 -8.05 -12.11 -11.05
C LEU A 185 -7.02 -12.34 -9.96
N SER A 186 -6.15 -11.35 -9.76
CA SER A 186 -5.17 -11.34 -8.70
C SER A 186 -5.41 -10.17 -7.78
N CYS A 187 -4.84 -10.29 -6.59
CA CYS A 187 -5.05 -9.34 -5.51
C CYS A 187 -3.72 -9.15 -4.79
N GLN A 188 -3.39 -7.90 -4.46
CA GLN A 188 -2.27 -7.59 -3.62
C GLN A 188 -2.74 -6.80 -2.41
N LEU A 189 -2.34 -7.21 -1.24
CA LEU A 189 -2.60 -6.56 0.04
C LEU A 189 -1.36 -5.82 0.59
N TYR A 190 -1.50 -4.57 0.94
CA TYR A 190 -0.51 -3.85 1.67
C TYR A 190 -0.92 -3.91 3.14
N GLN A 191 -0.21 -4.73 3.89
CA GLN A 191 -0.41 -4.84 5.32
C GLN A 191 0.69 -4.06 6.06
N ARG A 192 0.30 -2.99 6.71
CA ARG A 192 1.21 -2.09 7.38
C ARG A 192 1.89 -2.67 8.61
N SER A 193 1.22 -3.65 9.19
CA SER A 193 1.62 -4.20 10.43
C SER A 193 1.17 -5.63 10.49
N GLY A 194 2.11 -6.55 10.59
CA GLY A 194 1.79 -7.94 10.56
C GLY A 194 2.37 -8.72 11.72
N ASP A 195 1.47 -9.20 12.54
CA ASP A 195 1.79 -10.12 13.65
C ASP A 195 1.97 -11.46 12.97
N MET A 196 3.21 -11.82 12.76
CA MET A 196 3.51 -12.96 11.91
C MET A 196 3.04 -14.28 12.45
N GLY A 197 3.02 -14.41 13.77
CA GLY A 197 2.52 -15.65 14.40
C GLY A 197 1.02 -15.79 14.40
N LEU A 198 0.34 -14.76 14.89
CA LEU A 198 -1.11 -14.89 15.13
C LEU A 198 -1.98 -14.41 13.94
N GLY A 199 -1.69 -13.26 13.41
CA GLY A 199 -2.53 -12.67 12.41
C GLY A 199 -2.29 -13.01 10.98
N VAL A 200 -1.03 -13.08 10.53
CA VAL A 200 -0.75 -13.19 9.08
C VAL A 200 -1.37 -14.40 8.38
N PRO A 201 -1.30 -15.59 9.00
CA PRO A 201 -1.94 -16.76 8.35
C PRO A 201 -3.44 -16.57 8.14
N PHE A 202 -4.08 -16.03 9.15
CA PHE A 202 -5.48 -15.74 9.09
C PHE A 202 -5.72 -14.63 8.04
N ASN A 203 -4.91 -13.58 8.02
CA ASN A 203 -5.01 -12.44 7.04
C ASN A 203 -4.80 -12.91 5.59
N ILE A 204 -3.88 -13.82 5.35
CA ILE A 204 -3.72 -14.45 4.03
C ILE A 204 -4.99 -15.15 3.57
N ALA A 205 -5.56 -15.97 4.45
CA ALA A 205 -6.78 -16.67 4.10
C ALA A 205 -7.92 -15.70 3.73
N SER A 206 -8.05 -14.62 4.52
CA SER A 206 -9.14 -13.63 4.28
C SER A 206 -9.12 -13.04 2.92
N TYR A 207 -7.95 -12.57 2.50
CA TYR A 207 -7.82 -11.94 1.18
C TYR A 207 -7.90 -12.91 0.03
N ALA A 208 -7.43 -14.14 0.26
CA ALA A 208 -7.64 -15.15 -0.74
C ALA A 208 -9.08 -15.46 -0.91
N LEU A 209 -9.81 -15.51 0.17
CA LEU A 209 -11.23 -15.74 0.13
C LEU A 209 -11.94 -14.61 -0.60
N LEU A 210 -11.61 -13.37 -0.24
CA LEU A 210 -12.20 -12.20 -0.92
C LEU A 210 -11.94 -12.28 -2.43
N THR A 211 -10.75 -12.72 -2.81
CA THR A 211 -10.42 -12.84 -4.22
C THR A 211 -11.29 -13.94 -4.92
N TYR A 212 -11.48 -15.08 -4.25
CA TYR A 212 -12.39 -16.14 -4.78
C TYR A 212 -13.83 -15.65 -4.95
N MET A 213 -14.30 -14.94 -3.95
CA MET A 213 -15.63 -14.37 -4.00
C MET A 213 -15.81 -13.42 -5.16
N ILE A 214 -14.90 -12.45 -5.29
CA ILE A 214 -14.99 -11.47 -6.37
C ILE A 214 -14.85 -12.17 -7.70
N ALA A 215 -13.93 -13.12 -7.80
CA ALA A 215 -13.74 -13.88 -9.04
C ALA A 215 -15.02 -14.63 -9.42
N HIS A 216 -15.68 -15.23 -8.43
CA HIS A 216 -16.93 -15.91 -8.68
C HIS A 216 -18.02 -14.99 -9.27
N ILE A 217 -18.21 -13.80 -8.65
CA ILE A 217 -19.20 -12.78 -9.08
C ILE A 217 -18.94 -12.22 -10.46
N THR A 218 -17.68 -12.09 -10.82
CA THR A 218 -17.28 -11.49 -12.09
C THR A 218 -17.02 -12.47 -13.19
N GLY A 219 -17.20 -13.76 -12.94
CA GLY A 219 -16.94 -14.79 -13.94
C GLY A 219 -15.47 -14.96 -14.29
N LEU A 220 -14.53 -14.73 -13.37
CA LEU A 220 -13.09 -14.87 -13.66
C LEU A 220 -12.44 -16.00 -12.86
N LYS A 221 -11.23 -16.39 -13.22
CA LYS A 221 -10.52 -17.43 -12.49
C LYS A 221 -9.64 -16.72 -11.45
N PRO A 222 -9.53 -17.28 -10.23
CA PRO A 222 -8.53 -16.76 -9.30
C PRO A 222 -7.08 -16.96 -9.81
N GLY A 223 -6.23 -15.96 -9.61
CA GLY A 223 -4.80 -16.00 -10.06
C GLY A 223 -3.83 -16.06 -8.91
N ASP A 224 -3.26 -14.93 -8.51
CA ASP A 224 -2.33 -14.83 -7.38
C ASP A 224 -2.80 -13.90 -6.29
N PHE A 225 -2.41 -14.24 -5.05
CA PHE A 225 -2.50 -13.32 -3.94
C PHE A 225 -1.06 -12.88 -3.61
N ILE A 226 -0.79 -11.57 -3.68
CA ILE A 226 0.51 -11.01 -3.30
C ILE A 226 0.30 -10.33 -1.96
N HIS A 227 1.08 -10.72 -0.98
CA HIS A 227 1.04 -10.21 0.37
C HIS A 227 2.23 -9.37 0.55
N THR A 228 2.04 -8.06 0.72
CA THR A 228 3.10 -7.15 1.03
C THR A 228 3.05 -6.65 2.46
N LEU A 229 4.20 -6.69 3.14
CA LEU A 229 4.30 -6.29 4.56
C LEU A 229 5.12 -5.03 4.78
N GLY A 230 4.62 -4.20 5.67
CA GLY A 230 5.37 -3.09 6.26
C GLY A 230 6.15 -3.62 7.44
N ASP A 231 5.72 -3.30 8.65
CA ASP A 231 6.44 -3.84 9.84
C ASP A 231 5.97 -5.29 10.07
N ALA A 232 6.77 -6.22 9.62
CA ALA A 232 6.51 -7.64 9.79
C ALA A 232 7.21 -8.03 11.07
N HIS A 233 6.48 -8.53 12.06
CA HIS A 233 7.09 -8.72 13.37
C HIS A 233 6.64 -9.99 14.05
N ILE A 234 7.50 -10.51 14.88
CA ILE A 234 7.24 -11.70 15.72
C ILE A 234 7.27 -11.23 17.17
N TYR A 235 6.18 -11.37 17.89
CA TYR A 235 6.19 -11.00 19.28
C TYR A 235 7.10 -11.98 20.06
N LEU A 236 7.75 -11.48 21.12
CA LEU A 236 8.74 -12.31 21.86
C LEU A 236 8.10 -13.59 22.44
N ASN A 237 6.87 -13.51 22.88
CA ASN A 237 6.18 -14.71 23.37
C ASN A 237 5.65 -15.61 22.24
N HIS A 238 5.95 -15.32 20.95
CA HIS A 238 5.62 -16.22 19.84
C HIS A 238 6.82 -16.96 19.29
N ILE A 239 8.00 -16.67 19.82
CA ILE A 239 9.23 -17.22 19.23
C ILE A 239 9.24 -18.73 19.41
N GLU A 240 8.99 -19.19 20.62
CA GLU A 240 9.05 -20.62 20.89
C GLU A 240 7.94 -21.33 20.16
N PRO A 241 6.73 -20.79 20.22
CA PRO A 241 5.69 -21.43 19.39
C PRO A 241 5.98 -21.50 17.90
N LEU A 242 6.56 -20.46 17.31
CA LEU A 242 6.90 -20.48 15.86
C LEU A 242 7.98 -21.49 15.55
N LYS A 243 8.92 -21.61 16.47
CA LYS A 243 9.96 -22.68 16.40
C LYS A 243 9.37 -24.09 16.32
N ILE A 244 8.37 -24.40 17.12
CA ILE A 244 7.61 -25.63 16.93
C ILE A 244 7.04 -25.73 15.53
N GLN A 245 6.35 -24.69 15.10
CA GLN A 245 5.69 -24.75 13.80
C GLN A 245 6.68 -25.03 12.64
N LEU A 246 7.84 -24.40 12.71
CA LEU A 246 8.92 -24.61 11.71
C LEU A 246 9.49 -26.01 11.62
N GLN A 247 9.29 -26.85 12.63
CA GLN A 247 9.65 -28.27 12.50
C GLN A 247 8.65 -29.06 11.64
N ARG A 248 7.50 -28.50 11.29
CA ARG A 248 6.44 -29.27 10.64
C ARG A 248 6.49 -29.20 9.13
N GLU A 249 6.19 -30.29 8.49
CA GLU A 249 6.19 -30.36 7.04
C GLU A 249 4.82 -29.92 6.50
N PRO A 250 4.77 -29.00 5.55
CA PRO A 250 3.48 -28.62 4.96
C PRO A 250 2.76 -29.78 4.27
N ARG A 251 1.46 -29.83 4.39
CA ARG A 251 0.63 -30.73 3.62
C ARG A 251 0.05 -29.93 2.46
N PRO A 252 -0.44 -30.60 1.43
CA PRO A 252 -1.02 -29.92 0.27
C PRO A 252 -2.09 -28.91 0.69
N PHE A 253 -2.13 -27.76 0.06
CA PHE A 253 -3.21 -26.83 0.35
C PHE A 253 -4.56 -27.44 0.02
N PRO A 254 -5.61 -27.01 0.70
CA PRO A 254 -6.96 -27.47 0.28
C PRO A 254 -7.49 -26.76 -0.95
N LYS A 255 -8.69 -27.09 -1.33
CA LYS A 255 -9.37 -26.32 -2.34
C LYS A 255 -10.61 -25.64 -1.75
N LEU A 256 -11.13 -24.64 -2.45
CA LEU A 256 -12.34 -24.02 -1.99
C LEU A 256 -13.35 -24.15 -3.06
N ARG A 257 -14.53 -24.62 -2.73
CA ARG A 257 -15.61 -24.77 -3.70
C ARG A 257 -16.68 -23.82 -3.23
N ILE A 258 -17.24 -23.05 -4.14
CA ILE A 258 -18.40 -22.24 -3.85
C ILE A 258 -19.62 -23.01 -4.36
N LEU A 259 -20.67 -23.15 -3.54
CA LEU A 259 -21.73 -24.19 -3.77
C LEU A 259 -22.98 -23.73 -4.49
N ARG A 260 -23.17 -22.42 -4.67
CA ARG A 260 -24.18 -21.94 -5.61
C ARG A 260 -23.79 -20.67 -6.38
N LYS A 261 -24.53 -20.43 -7.48
CA LYS A 261 -24.36 -19.26 -8.30
C LYS A 261 -24.83 -18.08 -7.43
N VAL A 262 -24.00 -17.05 -7.31
CA VAL A 262 -24.30 -15.89 -6.48
C VAL A 262 -23.96 -14.67 -7.35
N GLU A 263 -24.89 -13.73 -7.42
CA GLU A 263 -24.86 -12.56 -8.29
C GLU A 263 -24.31 -11.27 -7.65
N LYS A 264 -24.65 -11.02 -6.37
CA LYS A 264 -24.23 -9.85 -5.63
C LYS A 264 -23.35 -10.26 -4.41
N ILE A 265 -22.25 -9.53 -4.19
CA ILE A 265 -21.31 -9.81 -3.06
C ILE A 265 -22.03 -9.89 -1.69
N ASP A 266 -23.10 -9.09 -1.55
CA ASP A 266 -23.91 -9.07 -0.34
C ASP A 266 -24.79 -10.30 -0.08
N ASP A 267 -24.93 -11.20 -1.05
CA ASP A 267 -25.77 -12.39 -0.95
C ASP A 267 -25.00 -13.63 -0.49
N PHE A 268 -23.65 -13.60 -0.48
CA PHE A 268 -22.90 -14.75 0.03
C PHE A 268 -23.24 -15.01 1.50
N LYS A 269 -23.32 -16.28 1.84
CA LYS A 269 -23.58 -16.73 3.19
C LYS A 269 -22.52 -17.78 3.54
N ALA A 270 -22.32 -18.01 4.84
CA ALA A 270 -21.33 -18.98 5.31
C ALA A 270 -21.49 -20.37 4.64
N GLU A 271 -22.75 -20.78 4.45
CA GLU A 271 -23.13 -22.09 3.87
C GLU A 271 -22.82 -22.24 2.37
N ASP A 272 -22.48 -21.15 1.67
CA ASP A 272 -22.14 -21.25 0.26
C ASP A 272 -20.69 -21.74 0.03
N PHE A 273 -19.89 -21.87 1.08
CA PHE A 273 -18.47 -22.21 0.93
C PHE A 273 -18.13 -23.54 1.55
N GLN A 274 -17.28 -24.28 0.89
CA GLN A 274 -16.86 -25.56 1.39
C GLN A 274 -15.37 -25.70 1.18
N ILE A 275 -14.60 -25.88 2.27
CA ILE A 275 -13.16 -26.12 2.13
C ILE A 275 -13.00 -27.64 1.96
N GLU A 276 -12.35 -28.09 0.90
CA GLU A 276 -12.18 -29.54 0.66
C GLU A 276 -10.72 -29.94 0.79
N GLY A 277 -10.51 -31.05 1.50
CA GLY A 277 -9.19 -31.65 1.59
C GLY A 277 -8.24 -30.86 2.48
N TYR A 278 -8.73 -30.26 3.56
CA TYR A 278 -7.88 -29.50 4.49
C TYR A 278 -7.58 -30.45 5.64
N ASN A 279 -6.31 -30.63 5.90
CA ASN A 279 -5.87 -31.57 6.87
C ASN A 279 -4.60 -31.09 7.56
N PRO A 280 -4.74 -30.05 8.42
CA PRO A 280 -3.56 -29.38 8.99
C PRO A 280 -3.02 -30.09 10.21
N HIS A 281 -1.84 -29.70 10.63
CA HIS A 281 -1.32 -30.03 11.92
C HIS A 281 -2.13 -29.27 12.98
N PRO A 282 -1.96 -29.61 14.26
CA PRO A 282 -2.76 -28.93 15.30
C PRO A 282 -2.51 -27.41 15.45
N THR A 283 -3.42 -26.73 16.15
CA THR A 283 -3.22 -25.32 16.48
C THR A 283 -2.05 -25.18 17.45
N ILE A 284 -1.45 -24.00 17.44
CA ILE A 284 -0.39 -23.65 18.33
C ILE A 284 -0.84 -22.40 19.12
N LYS A 285 -0.76 -22.47 20.44
CA LYS A 285 -1.21 -21.32 21.27
C LYS A 285 -0.22 -20.14 21.10
N MET A 286 -0.74 -18.99 20.66
CA MET A 286 0.01 -17.74 20.55
C MET A 286 -0.83 -16.64 21.17
N GLU A 287 -0.38 -16.08 22.32
CA GLU A 287 -1.18 -15.10 23.06
C GLU A 287 -1.28 -13.83 22.24
N MET A 288 -2.44 -13.20 22.30
CA MET A 288 -2.65 -11.96 21.59
C MET A 288 -2.13 -10.78 22.39
N ALA A 289 -1.22 -10.01 21.82
CA ALA A 289 -0.84 -8.73 22.42
C ALA A 289 -1.89 -7.61 22.19
N VAL A 290 -2.38 -6.98 23.27
CA VAL A 290 -3.46 -5.97 23.12
C VAL A 290 -3.12 -4.51 23.50
N PRO B 3 24.55 -9.37 -2.10
CA PRO B 3 23.05 -9.27 -2.25
C PRO B 3 22.62 -7.90 -2.85
N PRO B 4 21.96 -7.89 -4.05
CA PRO B 4 21.80 -6.61 -4.79
C PRO B 4 20.97 -5.54 -4.03
N HIS B 5 21.54 -4.36 -3.75
CA HIS B 5 20.80 -3.27 -3.05
C HIS B 5 20.81 -1.93 -3.80
N GLY B 6 21.15 -1.96 -5.09
CA GLY B 6 21.20 -0.77 -5.88
C GLY B 6 20.48 -0.98 -7.22
N GLU B 7 21.09 -0.39 -8.22
CA GLU B 7 20.52 -0.28 -9.52
C GLU B 7 20.21 -1.61 -10.20
N LEU B 8 20.96 -2.66 -9.87
CA LEU B 8 20.69 -3.98 -10.44
C LEU B 8 19.27 -4.51 -10.13
N GLN B 9 18.69 -4.17 -8.99
CA GLN B 9 17.29 -4.61 -8.75
C GLN B 9 16.38 -4.03 -9.76
N TYR B 10 16.57 -2.73 -10.05
CA TYR B 10 15.78 -2.10 -11.07
C TYR B 10 16.01 -2.74 -12.45
N LEU B 11 17.25 -2.89 -12.84
CA LEU B 11 17.53 -3.54 -14.14
C LEU B 11 16.97 -4.95 -14.16
N GLY B 12 16.96 -5.63 -13.04
CA GLY B 12 16.45 -7.02 -12.97
C GLY B 12 14.95 -7.05 -13.18
N GLN B 13 14.23 -6.11 -12.58
CA GLN B 13 12.78 -5.99 -12.79
C GLN B 13 12.49 -5.74 -14.24
N ILE B 14 13.26 -4.87 -14.88
CA ILE B 14 13.08 -4.62 -16.32
C ILE B 14 13.24 -5.93 -17.11
N GLN B 15 14.33 -6.66 -16.82
CA GLN B 15 14.59 -7.94 -17.53
C GLN B 15 13.45 -8.91 -17.29
N HIS B 16 13.00 -9.02 -16.04
CA HIS B 16 11.88 -9.92 -15.68
C HIS B 16 10.58 -9.58 -16.45
N ILE B 17 10.26 -8.29 -16.63
CA ILE B 17 9.06 -7.95 -17.36
C ILE B 17 9.21 -8.23 -18.88
N LEU B 18 10.37 -7.87 -19.42
CA LEU B 18 10.67 -8.24 -20.82
C LEU B 18 10.63 -9.75 -21.04
N ARG B 19 11.07 -10.56 -20.09
CA ARG B 19 11.09 -12.02 -20.25
C ARG B 19 9.72 -12.68 -19.98
N CYS B 20 9.08 -12.38 -18.85
CA CYS B 20 7.88 -13.03 -18.38
C CYS B 20 6.60 -12.15 -18.37
N GLY B 21 6.70 -10.85 -18.64
CA GLY B 21 5.55 -9.98 -18.65
C GLY B 21 4.51 -10.47 -19.62
N VAL B 22 3.26 -10.21 -19.30
CA VAL B 22 2.13 -10.57 -20.15
C VAL B 22 1.65 -9.34 -20.89
N ARG B 23 1.21 -9.54 -22.12
CA ARG B 23 0.59 -8.42 -22.86
C ARG B 23 -0.64 -7.97 -22.10
N LYS B 24 -0.87 -6.67 -22.01
CA LYS B 24 -2.02 -6.14 -21.32
C LYS B 24 -2.28 -4.83 -21.96
N ASP B 25 -3.50 -4.59 -22.39
CA ASP B 25 -3.85 -3.27 -22.91
C ASP B 25 -4.00 -2.28 -21.74
N ASP B 26 -4.01 -1.01 -22.02
CA ASP B 26 -4.14 -0.04 -20.95
C ASP B 26 -4.98 1.14 -21.38
N ARG B 27 -5.34 1.94 -20.40
CA ARG B 27 -6.12 3.15 -20.56
C ARG B 27 -5.63 4.07 -21.72
N THR B 28 -4.33 4.23 -21.87
CA THR B 28 -3.77 5.18 -22.84
C THR B 28 -3.74 4.65 -24.29
N GLY B 29 -4.04 3.37 -24.51
CA GLY B 29 -4.08 2.76 -25.85
C GLY B 29 -2.70 2.39 -26.37
N THR B 30 -1.63 2.52 -25.59
CA THR B 30 -0.25 2.23 -26.06
C THR B 30 0.04 0.72 -26.07
N GLY B 31 -0.51 0.00 -25.09
CA GLY B 31 -0.18 -1.41 -24.88
C GLY B 31 1.03 -1.51 -23.97
N THR B 32 1.02 -2.56 -23.17
CA THR B 32 2.09 -2.82 -22.23
C THR B 32 2.44 -4.30 -22.24
N LEU B 33 3.61 -4.56 -21.69
CA LEU B 33 4.00 -5.76 -21.07
C LEU B 33 3.91 -5.55 -19.52
N SER B 34 3.29 -6.49 -18.81
CA SER B 34 2.97 -6.26 -17.40
C SER B 34 3.17 -7.46 -16.49
N VAL B 35 3.61 -7.17 -15.29
CA VAL B 35 3.65 -8.08 -14.18
C VAL B 35 2.98 -7.39 -12.97
N PHE B 36 2.37 -8.21 -12.12
CA PHE B 36 1.64 -7.77 -10.95
C PHE B 36 2.38 -8.22 -9.71
N GLY B 37 2.87 -7.23 -8.98
CA GLY B 37 3.47 -7.44 -7.71
C GLY B 37 4.98 -7.61 -7.83
N MET B 38 5.72 -6.62 -7.36
CA MET B 38 7.17 -6.67 -7.29
C MET B 38 7.61 -5.83 -6.11
N GLN B 39 8.83 -6.06 -5.66
CA GLN B 39 9.39 -5.31 -4.54
C GLN B 39 10.91 -5.26 -4.69
N ALA B 40 11.52 -4.11 -4.46
CA ALA B 40 12.96 -3.94 -4.44
C ALA B 40 13.33 -3.10 -3.22
N ARG B 41 14.60 -3.17 -2.80
CA ARG B 41 15.08 -2.51 -1.62
C ARG B 41 16.33 -1.71 -1.97
N TYR B 42 16.30 -0.39 -1.85
CA TYR B 42 17.40 0.46 -2.23
C TYR B 42 18.02 1.03 -0.99
N SER B 43 19.28 0.66 -0.72
CA SER B 43 19.96 1.28 0.41
C SER B 43 20.16 2.78 0.20
N LEU B 44 19.91 3.54 1.26
CA LEU B 44 20.16 4.96 1.31
C LEU B 44 21.42 5.30 2.16
N ARG B 45 22.22 4.29 2.56
CA ARG B 45 23.31 4.45 3.55
C ARG B 45 24.52 4.96 2.83
N ASP B 46 24.79 6.26 2.99
CA ASP B 46 25.97 6.95 2.39
C ASP B 46 25.96 6.95 0.87
N GLU B 47 24.75 6.88 0.29
CA GLU B 47 24.55 7.04 -1.12
C GLU B 47 23.08 7.27 -1.39
N PHE B 48 22.84 7.78 -2.60
CA PHE B 48 21.56 8.24 -3.02
C PHE B 48 21.20 7.58 -4.35
N PRO B 49 20.04 6.88 -4.41
CA PRO B 49 19.72 6.04 -5.56
C PRO B 49 19.17 6.77 -6.78
N LEU B 50 20.00 7.63 -7.35
CA LEU B 50 19.74 8.24 -8.66
C LEU B 50 20.37 7.36 -9.72
N LEU B 51 19.55 6.76 -10.57
CA LEU B 51 20.04 5.75 -11.52
C LEU B 51 21.07 6.29 -12.47
N THR B 52 21.98 5.42 -12.85
CA THR B 52 23.15 5.81 -13.61
C THR B 52 23.23 5.24 -15.00
N THR B 53 22.35 4.29 -15.36
CA THR B 53 22.30 3.76 -16.74
C THR B 53 21.52 4.66 -17.64
N LYS B 54 20.88 5.69 -17.08
CA LYS B 54 20.45 6.83 -17.85
C LYS B 54 20.42 8.05 -16.91
N ARG B 55 20.42 9.27 -17.45
CA ARG B 55 20.40 10.46 -16.64
C ARG B 55 18.96 10.68 -16.20
N VAL B 56 18.73 10.69 -14.91
CA VAL B 56 17.39 10.95 -14.37
C VAL B 56 17.27 12.46 -14.21
N PHE B 57 16.08 12.97 -14.51
CA PHE B 57 15.75 14.41 -14.40
C PHE B 57 15.70 14.88 -12.94
N TRP B 58 16.88 15.02 -12.35
CA TRP B 58 17.00 15.46 -10.98
C TRP B 58 16.31 16.79 -10.66
N LYS B 59 16.41 17.79 -11.53
CA LYS B 59 15.72 19.04 -11.24
C LYS B 59 14.18 18.80 -11.06
N GLY B 60 13.60 18.00 -11.93
CA GLY B 60 12.21 17.71 -11.84
C GLY B 60 11.85 16.99 -10.53
N VAL B 61 12.66 16.02 -10.12
CA VAL B 61 12.44 15.27 -8.87
C VAL B 61 12.38 16.26 -7.68
N LEU B 62 13.41 17.08 -7.57
CA LEU B 62 13.49 18.04 -6.50
C LEU B 62 12.37 19.04 -6.56
N GLU B 63 12.17 19.65 -7.71
CA GLU B 63 11.10 20.65 -7.77
C GLU B 63 9.72 20.03 -7.49
N GLU B 64 9.48 18.84 -8.01
CA GLU B 64 8.17 18.19 -7.73
C GLU B 64 7.97 17.90 -6.25
N LEU B 65 9.02 17.54 -5.55
CA LEU B 65 8.88 17.25 -4.13
C LEU B 65 8.60 18.48 -3.31
N LEU B 66 9.30 19.57 -3.62
CA LEU B 66 9.02 20.89 -2.96
C LEU B 66 7.55 21.38 -3.19
N TRP B 67 7.02 21.09 -4.37
CA TRP B 67 5.64 21.44 -4.79
C TRP B 67 4.62 20.64 -4.03
N PHE B 68 4.85 19.31 -3.90
CA PHE B 68 4.03 18.45 -3.02
C PHE B 68 4.01 18.97 -1.61
N ILE B 69 5.19 19.21 -1.07
CA ILE B 69 5.34 19.66 0.30
C ILE B 69 4.56 20.94 0.55
N LYS B 70 4.55 21.89 -0.40
CA LYS B 70 3.85 23.13 -0.13
C LYS B 70 2.35 23.04 -0.38
N GLY B 71 1.87 21.85 -0.71
CA GLY B 71 0.46 21.61 -0.77
C GLY B 71 -0.15 21.96 -2.13
N SER B 72 0.65 22.24 -3.13
CA SER B 72 0.12 22.62 -4.43
C SER B 72 -0.40 21.44 -5.27
N THR B 73 -1.49 21.71 -5.97
CA THR B 73 -2.00 20.84 -6.97
C THR B 73 -2.08 21.54 -8.34
N ASN B 74 -1.32 22.61 -8.50
CA ASN B 74 -1.24 23.35 -9.76
C ASN B 74 0.00 23.01 -10.62
N ALA B 75 -0.24 22.36 -11.72
CA ALA B 75 0.82 21.98 -12.64
C ALA B 75 1.55 23.14 -13.28
N LYS B 76 0.93 24.30 -13.37
CA LYS B 76 1.60 25.48 -13.95
C LYS B 76 2.76 25.91 -13.12
N GLU B 77 2.70 25.67 -11.81
CA GLU B 77 3.83 25.97 -10.94
C GLU B 77 5.08 25.15 -11.22
N LEU B 78 4.93 23.93 -11.75
CA LEU B 78 6.08 23.16 -12.20
C LEU B 78 6.49 23.56 -13.58
N SER B 79 5.51 23.71 -14.43
CA SER B 79 5.70 24.08 -15.85
C SER B 79 6.48 25.40 -15.99
N SER B 80 6.16 26.38 -15.13
CA SER B 80 6.86 27.63 -15.03
C SER B 80 8.35 27.46 -14.74
N LYS B 81 8.72 26.37 -14.08
CA LYS B 81 10.12 26.08 -13.78
C LYS B 81 10.83 25.22 -14.81
N GLY B 82 10.20 24.93 -15.95
CA GLY B 82 10.76 23.99 -16.89
C GLY B 82 10.58 22.50 -16.53
N VAL B 83 9.69 22.20 -15.59
CA VAL B 83 9.39 20.81 -15.26
C VAL B 83 8.00 20.51 -15.80
N LYS B 84 7.96 19.78 -16.93
CA LYS B 84 6.73 19.58 -17.71
C LYS B 84 6.01 18.29 -17.48
N ILE B 85 6.38 17.58 -16.42
CA ILE B 85 5.94 16.23 -16.21
C ILE B 85 4.41 16.11 -15.99
N TRP B 86 3.77 17.16 -15.46
CA TRP B 86 2.30 17.16 -15.25
C TRP B 86 1.51 17.97 -16.27
N ASP B 87 2.15 18.51 -17.30
CA ASP B 87 1.44 19.35 -18.23
C ASP B 87 0.40 18.61 -19.11
N ALA B 88 0.66 17.40 -19.55
CA ALA B 88 -0.26 16.69 -20.40
C ALA B 88 -1.57 16.34 -19.60
N ASN B 89 -1.44 15.99 -18.31
CA ASN B 89 -2.59 15.69 -17.47
C ASN B 89 -3.30 16.89 -16.87
N GLY B 90 -2.67 18.03 -16.94
CA GLY B 90 -3.28 19.28 -16.50
C GLY B 90 -3.74 20.16 -17.65
N SER B 91 -3.61 19.73 -18.91
CA SER B 91 -3.91 20.59 -20.06
C SER B 91 -5.42 20.80 -20.21
N ARG B 92 -5.75 21.92 -20.83
CA ARG B 92 -7.14 22.28 -21.17
C ARG B 92 -7.90 21.12 -21.78
N ASP B 93 -7.31 20.51 -22.78
CA ASP B 93 -7.96 19.42 -23.48
C ASP B 93 -8.17 18.14 -22.60
N PHE B 94 -7.14 17.78 -21.81
CA PHE B 94 -7.28 16.62 -20.96
C PHE B 94 -8.34 16.83 -19.89
N LEU B 95 -8.37 18.02 -19.26
CA LEU B 95 -9.31 18.34 -18.23
C LEU B 95 -10.73 18.35 -18.79
N ASP B 96 -10.88 18.94 -19.99
CA ASP B 96 -12.19 18.97 -20.60
C ASP B 96 -12.65 17.57 -20.95
N SER B 97 -11.74 16.70 -21.38
CA SER B 97 -12.05 15.34 -21.72
C SER B 97 -12.62 14.54 -20.53
N LEU B 98 -12.34 15.00 -19.31
CA LEU B 98 -12.84 14.36 -18.12
C LEU B 98 -14.02 15.09 -17.53
N GLY B 99 -14.57 16.11 -18.20
CA GLY B 99 -15.74 16.86 -17.72
C GLY B 99 -15.38 18.08 -16.86
N PHE B 100 -14.10 18.47 -16.73
CA PHE B 100 -13.72 19.60 -15.87
C PHE B 100 -13.56 20.91 -16.66
N SER B 101 -14.59 21.27 -17.40
CA SER B 101 -14.53 22.46 -18.29
C SER B 101 -14.47 23.79 -17.53
N THR B 102 -14.88 23.82 -16.28
CA THR B 102 -14.76 25.08 -15.56
C THR B 102 -13.45 25.28 -14.83
N ARG B 103 -12.55 24.27 -14.76
CA ARG B 103 -11.29 24.44 -14.08
C ARG B 103 -10.29 25.15 -14.92
N GLU B 104 -9.39 25.86 -14.25
CA GLU B 104 -8.26 26.52 -14.92
C GLU B 104 -7.27 25.45 -15.30
N GLU B 105 -6.58 25.67 -16.40
CA GLU B 105 -5.57 24.76 -16.89
C GLU B 105 -4.50 24.62 -15.79
N GLY B 106 -4.06 23.36 -15.60
CA GLY B 106 -3.11 22.98 -14.61
C GLY B 106 -3.72 22.50 -13.30
N ASP B 107 -5.03 22.59 -13.12
CA ASP B 107 -5.68 22.17 -11.89
C ASP B 107 -5.91 20.62 -11.93
N LEU B 108 -5.03 19.90 -11.28
CA LEU B 108 -4.99 18.44 -11.32
C LEU B 108 -6.04 17.89 -10.34
N GLY B 109 -6.64 18.75 -9.52
CA GLY B 109 -7.61 18.33 -8.54
C GLY B 109 -6.93 18.01 -7.24
N PRO B 110 -7.67 17.41 -6.30
CA PRO B 110 -7.14 17.09 -4.99
C PRO B 110 -6.13 15.90 -4.99
N VAL B 111 -4.99 16.10 -5.64
CA VAL B 111 -3.89 15.09 -5.70
C VAL B 111 -2.92 15.29 -4.53
N TYR B 112 -1.68 14.86 -4.65
CA TYR B 112 -0.75 14.71 -3.50
C TYR B 112 -0.62 15.88 -2.55
N GLY B 113 -0.30 17.04 -3.11
CA GLY B 113 -0.12 18.20 -2.29
C GLY B 113 -1.33 18.43 -1.39
N PHE B 114 -2.52 18.28 -1.94
CA PHE B 114 -3.71 18.50 -1.20
C PHE B 114 -3.96 17.39 -0.14
N GLN B 115 -3.82 16.13 -0.55
CA GLN B 115 -4.09 14.98 0.36
C GLN B 115 -3.01 14.93 1.50
N TRP B 116 -1.77 15.22 1.15
CA TRP B 116 -0.73 15.24 2.18
C TRP B 116 -0.89 16.31 3.24
N ARG B 117 -1.41 17.46 2.88
CA ARG B 117 -1.49 18.55 3.83
C ARG B 117 -2.91 18.84 4.30
N HIS B 118 -3.94 18.32 3.65
CA HIS B 118 -5.33 18.66 3.96
C HIS B 118 -6.31 17.54 3.76
N PHE B 119 -5.91 16.30 4.02
CA PHE B 119 -6.74 15.14 3.71
C PHE B 119 -8.10 15.31 4.39
N GLY B 120 -9.17 15.08 3.64
CA GLY B 120 -10.49 15.22 4.19
C GLY B 120 -11.13 16.59 4.04
N ALA B 121 -10.38 17.61 3.66
CA ALA B 121 -10.98 18.93 3.41
C ALA B 121 -11.74 18.84 2.12
N GLU B 122 -12.71 19.75 1.94
CA GLU B 122 -13.51 19.79 0.75
C GLU B 122 -12.76 20.59 -0.33
N TYR B 123 -12.43 19.94 -1.44
CA TYR B 123 -11.67 20.59 -2.49
C TYR B 123 -12.57 21.51 -3.27
N ARG B 124 -12.05 22.68 -3.63
CA ARG B 124 -12.81 23.68 -4.32
C ARG B 124 -12.09 23.89 -5.63
N ASP B 125 -10.96 24.59 -5.61
CA ASP B 125 -10.05 24.60 -6.74
C ASP B 125 -8.64 24.74 -6.24
N MET B 126 -7.70 24.72 -7.18
CA MET B 126 -6.29 24.64 -6.84
C MET B 126 -5.78 25.85 -6.09
N GLU B 127 -6.41 26.98 -6.25
CA GLU B 127 -5.95 28.20 -5.58
C GLU B 127 -6.72 28.57 -4.31
N SER B 128 -7.68 27.76 -3.90
CA SER B 128 -8.40 28.08 -2.65
C SER B 128 -7.51 28.04 -1.42
N ASP B 129 -7.95 28.73 -0.38
CA ASP B 129 -7.25 28.77 0.90
C ASP B 129 -7.78 27.56 1.72
N TYR B 130 -6.91 26.61 1.98
CA TYR B 130 -7.27 25.45 2.78
C TYR B 130 -6.65 25.49 4.18
N SER B 131 -6.11 26.64 4.62
CA SER B 131 -5.38 26.76 5.92
C SER B 131 -6.18 26.20 7.09
N GLY B 132 -5.58 25.37 7.93
CA GLY B 132 -6.29 24.74 9.01
C GLY B 132 -7.38 23.69 8.65
N GLN B 133 -7.54 23.34 7.38
CA GLN B 133 -8.59 22.38 7.00
C GLN B 133 -7.99 21.01 6.65
N GLY B 134 -8.68 19.95 7.08
CA GLY B 134 -8.22 18.56 6.90
C GLY B 134 -7.05 18.13 7.75
N VAL B 135 -6.50 16.94 7.46
CA VAL B 135 -5.40 16.37 8.18
C VAL B 135 -4.08 16.63 7.53
N ASP B 136 -3.20 17.25 8.31
CA ASP B 136 -1.83 17.47 7.87
C ASP B 136 -1.03 16.19 8.13
N GLN B 137 -1.15 15.27 7.18
CA GLN B 137 -0.49 13.97 7.33
C GLN B 137 1.02 14.08 7.40
N LEU B 138 1.58 14.95 6.58
CA LEU B 138 3.01 15.07 6.55
C LEU B 138 3.58 15.56 7.88
N GLN B 139 3.04 16.64 8.45
CA GLN B 139 3.56 17.13 9.75
C GLN B 139 3.30 16.07 10.87
N ARG B 140 2.19 15.35 10.79
CA ARG B 140 1.93 14.23 11.72
C ARG B 140 2.92 13.10 11.62
N VAL B 141 3.24 12.68 10.41
CA VAL B 141 4.33 11.71 10.24
C VAL B 141 5.61 12.19 10.98
N ILE B 142 6.02 13.42 10.72
CA ILE B 142 7.26 13.96 11.27
C ILE B 142 7.20 14.00 12.82
N ASP B 143 6.11 14.55 13.36
CA ASP B 143 5.89 14.53 14.81
C ASP B 143 5.88 13.11 15.45
N THR B 144 5.17 12.14 14.84
CA THR B 144 5.20 10.76 15.36
C THR B 144 6.61 10.23 15.33
N ILE B 145 7.34 10.46 14.26
CA ILE B 145 8.72 9.97 14.20
C ILE B 145 9.54 10.56 15.36
N LYS B 146 9.35 11.85 15.71
CA LYS B 146 10.14 12.48 16.80
C LYS B 146 9.71 11.98 18.18
N THR B 147 8.42 11.67 18.38
CA THR B 147 7.89 11.37 19.73
C THR B 147 7.59 9.88 19.98
N ASN B 148 7.43 9.09 18.92
CA ASN B 148 7.04 7.71 19.08
C ASN B 148 7.55 6.86 17.94
N PRO B 149 8.86 6.77 17.82
CA PRO B 149 9.44 6.12 16.64
C PRO B 149 9.10 4.66 16.42
N ASP B 150 8.74 3.96 17.49
CA ASP B 150 8.32 2.57 17.36
C ASP B 150 6.91 2.37 16.67
N ASP B 151 6.12 3.43 16.55
CA ASP B 151 4.75 3.38 16.03
C ASP B 151 4.75 2.61 14.67
N ARG B 152 3.81 1.69 14.52
CA ARG B 152 3.63 0.98 13.25
C ARG B 152 2.55 1.61 12.35
N ARG B 153 2.17 2.86 12.63
CA ARG B 153 1.14 3.58 11.94
C ARG B 153 1.61 4.89 11.26
N ILE B 154 2.87 4.97 10.87
CA ILE B 154 3.48 6.19 10.41
C ILE B 154 3.31 6.18 8.88
N ILE B 155 2.11 6.62 8.47
CA ILE B 155 1.62 6.45 7.12
C ILE B 155 1.12 7.78 6.59
N MET B 156 1.41 8.03 5.31
CA MET B 156 0.82 9.13 4.56
C MET B 156 0.14 8.45 3.36
N CYS B 157 -1.12 8.77 3.18
CA CYS B 157 -1.97 8.15 2.20
C CYS B 157 -2.51 9.19 1.25
N ALA B 158 -2.22 9.09 -0.03
CA ALA B 158 -2.79 9.99 -1.06
C ALA B 158 -4.09 9.47 -1.65
N TRP B 159 -4.40 8.17 -1.45
CA TRP B 159 -5.59 7.58 -2.07
C TRP B 159 -6.82 7.98 -1.26
N ASN B 160 -7.72 8.76 -1.85
CA ASN B 160 -8.90 9.24 -1.16
C ASN B 160 -10.11 8.94 -2.05
N PRO B 161 -10.83 7.84 -1.78
CA PRO B 161 -11.92 7.39 -2.58
C PRO B 161 -12.99 8.44 -2.81
N ARG B 162 -13.26 9.28 -1.82
CA ARG B 162 -14.26 10.33 -2.00
C ARG B 162 -13.81 11.39 -3.00
N ASP B 163 -12.51 11.72 -3.00
CA ASP B 163 -11.93 12.68 -3.97
C ASP B 163 -11.55 12.19 -5.38
N LEU B 164 -11.52 10.86 -5.59
CA LEU B 164 -11.15 10.26 -6.89
C LEU B 164 -11.82 10.89 -8.10
N PRO B 165 -13.15 11.14 -8.04
CA PRO B 165 -13.82 11.73 -9.24
C PRO B 165 -13.33 13.12 -9.65
N LEU B 166 -12.59 13.80 -8.77
CA LEU B 166 -12.10 15.12 -9.03
C LEU B 166 -10.63 15.17 -9.51
N MET B 167 -9.93 14.03 -9.52
CA MET B 167 -8.52 14.02 -9.79
C MET B 167 -8.30 13.82 -11.29
N ALA B 168 -7.38 14.57 -11.89
CA ALA B 168 -7.04 14.37 -13.30
C ALA B 168 -6.42 12.98 -13.53
N LEU B 169 -5.60 12.58 -12.58
CA LEU B 169 -5.01 11.30 -12.49
C LEU B 169 -4.96 10.83 -11.02
N PRO B 170 -5.66 9.75 -10.67
CA PRO B 170 -5.56 9.19 -9.30
C PRO B 170 -4.13 8.82 -8.95
N PRO B 171 -3.74 9.06 -7.74
CA PRO B 171 -2.33 8.87 -7.39
C PRO B 171 -1.79 7.47 -7.72
N CYS B 172 -0.68 7.46 -8.42
CA CYS B 172 0.09 6.24 -8.61
C CYS B 172 0.77 5.77 -7.33
N HIS B 173 1.15 6.72 -6.47
CA HIS B 173 1.74 6.50 -5.16
C HIS B 173 0.65 6.57 -4.11
N ALA B 174 0.02 5.43 -3.88
CA ALA B 174 -1.19 5.38 -3.12
C ALA B 174 -0.89 5.64 -1.68
N LEU B 175 0.22 5.11 -1.19
CA LEU B 175 0.62 5.42 0.19
C LEU B 175 2.08 5.18 0.48
N CYS B 176 2.59 5.79 1.54
CA CYS B 176 3.90 5.46 1.98
C CYS B 176 3.95 5.30 3.50
N GLN B 177 4.84 4.42 3.97
CA GLN B 177 4.96 4.08 5.37
C GLN B 177 6.41 4.29 5.78
N PHE B 178 6.59 4.83 6.98
CA PHE B 178 7.92 5.06 7.51
C PHE B 178 8.14 4.12 8.67
N TYR B 179 9.40 3.89 8.94
CA TYR B 179 9.81 2.94 9.98
C TYR B 179 11.14 3.38 10.55
N VAL B 180 11.29 3.29 11.86
CA VAL B 180 12.48 3.68 12.56
C VAL B 180 13.01 2.52 13.39
N VAL B 181 14.26 2.20 13.23
CA VAL B 181 14.96 1.40 14.23
C VAL B 181 16.44 1.68 14.20
N ASN B 182 17.11 1.47 15.33
CA ASN B 182 18.53 1.86 15.59
C ASN B 182 18.92 3.23 15.07
N SER B 183 18.09 4.25 15.32
CA SER B 183 18.31 5.60 14.76
C SER B 183 18.37 5.73 13.22
N GLU B 184 17.73 4.78 12.52
CA GLU B 184 17.65 4.77 11.08
C GLU B 184 16.18 4.90 10.59
N LEU B 185 15.96 5.73 9.59
CA LEU B 185 14.69 5.91 8.97
C LEU B 185 14.62 5.20 7.63
N SER B 186 13.59 4.34 7.47
CA SER B 186 13.28 3.73 6.21
C SER B 186 11.90 4.11 5.75
N CYS B 187 11.67 3.90 4.47
CA CYS B 187 10.46 4.32 3.82
C CYS B 187 10.03 3.21 2.91
N GLN B 188 8.76 2.82 2.93
CA GLN B 188 8.20 1.96 1.91
C GLN B 188 7.12 2.63 1.15
N LEU B 189 7.16 2.51 -0.17
CA LEU B 189 6.14 3.11 -1.08
C LEU B 189 5.30 2.02 -1.73
N TYR B 190 3.97 2.14 -1.72
CA TYR B 190 3.10 1.27 -2.48
C TYR B 190 2.72 2.07 -3.73
N GLN B 191 3.22 1.64 -4.87
CA GLN B 191 2.98 2.29 -6.15
C GLN B 191 2.07 1.37 -6.94
N ARG B 192 0.82 1.79 -7.14
CA ARG B 192 -0.20 0.94 -7.77
C ARG B 192 0.08 0.68 -9.20
N SER B 193 0.85 1.57 -9.82
CA SER B 193 1.03 1.62 -11.25
C SER B 193 2.34 2.29 -11.54
N GLY B 194 3.20 1.57 -12.19
CA GLY B 194 4.57 1.98 -12.44
C GLY B 194 4.96 1.80 -13.91
N ASP B 195 5.14 2.93 -14.55
CA ASP B 195 5.66 3.04 -15.90
C ASP B 195 7.13 2.84 -15.69
N MET B 196 7.58 1.63 -15.98
CA MET B 196 8.91 1.24 -15.55
C MET B 196 9.98 2.03 -16.27
N GLY B 197 9.76 2.39 -17.52
CA GLY B 197 10.77 3.18 -18.23
C GLY B 197 10.90 4.66 -17.83
N LEU B 198 9.78 5.36 -17.84
CA LEU B 198 9.82 6.80 -17.57
C LEU B 198 9.57 7.16 -16.11
N GLY B 199 8.57 6.55 -15.50
CA GLY B 199 8.16 6.90 -14.15
C GLY B 199 9.03 6.43 -13.02
N VAL B 200 9.34 5.15 -13.04
CA VAL B 200 9.89 4.47 -11.89
C VAL B 200 11.28 5.01 -11.42
N PRO B 201 12.25 5.24 -12.32
CA PRO B 201 13.50 5.83 -11.82
C PRO B 201 13.34 7.19 -11.14
N PHE B 202 12.45 7.99 -11.70
CA PHE B 202 12.18 9.33 -11.19
C PHE B 202 11.48 9.20 -9.85
N ASN B 203 10.52 8.30 -9.75
CA ASN B 203 9.77 8.06 -8.49
C ASN B 203 10.66 7.51 -7.36
N ILE B 204 11.60 6.60 -7.67
CA ILE B 204 12.53 6.09 -6.67
C ILE B 204 13.32 7.24 -6.06
N ALA B 205 13.80 8.08 -6.93
CA ALA B 205 14.53 9.24 -6.51
C ALA B 205 13.69 10.17 -5.65
N SER B 206 12.40 10.38 -5.97
CA SER B 206 11.51 11.19 -5.15
C SER B 206 11.37 10.78 -3.70
N TYR B 207 11.05 9.48 -3.49
CA TYR B 207 10.84 8.96 -2.17
C TYR B 207 12.15 8.75 -1.44
N ALA B 208 13.25 8.44 -2.14
CA ALA B 208 14.57 8.52 -1.48
C ALA B 208 14.87 9.94 -0.97
N LEU B 209 14.58 10.95 -1.81
CA LEU B 209 14.79 12.35 -1.37
C LEU B 209 13.89 12.73 -0.18
N LEU B 210 12.62 12.35 -0.19
CA LEU B 210 11.74 12.63 0.95
C LEU B 210 12.23 11.99 2.23
N THR B 211 12.73 10.78 2.10
CA THR B 211 13.30 10.05 3.27
C THR B 211 14.53 10.85 3.84
N TYR B 212 15.46 11.28 2.98
CA TYR B 212 16.59 12.17 3.41
C TYR B 212 16.08 13.46 4.09
N MET B 213 15.06 14.07 3.53
CA MET B 213 14.57 15.31 4.15
C MET B 213 13.97 15.06 5.52
N ILE B 214 13.16 14.01 5.65
CA ILE B 214 12.56 13.70 6.92
C ILE B 214 13.66 13.24 7.90
N ALA B 215 14.60 12.43 7.47
CA ALA B 215 15.72 12.01 8.33
C ALA B 215 16.46 13.26 8.89
N HIS B 216 16.70 14.22 8.02
CA HIS B 216 17.37 15.46 8.40
C HIS B 216 16.57 16.24 9.47
N ILE B 217 15.25 16.36 9.32
CA ILE B 217 14.40 17.12 10.23
C ILE B 217 14.31 16.38 11.58
N THR B 218 14.38 15.06 11.58
CA THR B 218 14.17 14.26 12.81
C THR B 218 15.47 13.80 13.48
N GLY B 219 16.63 14.13 12.94
CA GLY B 219 17.89 13.69 13.55
C GLY B 219 18.20 12.21 13.34
N LEU B 220 17.72 11.63 12.24
CA LEU B 220 17.94 10.23 12.01
C LEU B 220 18.79 10.00 10.79
N LYS B 221 19.29 8.80 10.62
CA LYS B 221 20.06 8.45 9.43
C LYS B 221 19.15 7.77 8.41
N PRO B 222 19.33 8.03 7.10
CA PRO B 222 18.49 7.27 6.16
C PRO B 222 18.91 5.80 6.11
N GLY B 223 17.91 4.91 6.05
CA GLY B 223 18.12 3.47 6.07
C GLY B 223 17.88 2.88 4.69
N ASP B 224 16.69 2.33 4.48
CA ASP B 224 16.29 1.79 3.20
C ASP B 224 15.07 2.49 2.61
N PHE B 225 14.98 2.44 1.30
CA PHE B 225 13.79 2.68 0.59
C PHE B 225 13.29 1.41 -0.04
N ILE B 226 12.09 0.96 0.35
CA ILE B 226 11.46 -0.22 -0.17
C ILE B 226 10.38 0.23 -1.18
N HIS B 227 10.53 -0.20 -2.42
CA HIS B 227 9.65 0.13 -3.46
C HIS B 227 8.76 -1.07 -3.77
N THR B 228 7.45 -0.94 -3.61
CA THR B 228 6.52 -1.98 -3.93
C THR B 228 5.65 -1.59 -5.08
N LEU B 229 5.41 -2.52 -6.01
CA LEU B 229 4.65 -2.26 -7.21
C LEU B 229 3.46 -3.16 -7.29
N GLY B 230 2.37 -2.54 -7.76
CA GLY B 230 1.20 -3.18 -8.26
C GLY B 230 1.43 -3.55 -9.70
N ASP B 231 0.77 -2.86 -10.61
CA ASP B 231 0.91 -3.14 -12.03
C ASP B 231 2.24 -2.48 -12.48
N ALA B 232 3.29 -3.30 -12.56
CA ALA B 232 4.61 -2.90 -13.08
C ALA B 232 4.61 -3.19 -14.58
N HIS B 233 4.75 -2.14 -15.37
CA HIS B 233 4.56 -2.27 -16.80
C HIS B 233 5.57 -1.54 -17.62
N ILE B 234 5.93 -2.14 -18.74
CA ILE B 234 6.72 -1.52 -19.78
C ILE B 234 5.79 -1.24 -20.94
N TYR B 235 5.66 0.04 -21.28
CA TYR B 235 4.98 0.43 -22.47
C TYR B 235 5.72 -0.11 -23.70
N LEU B 236 4.97 -0.56 -24.70
CA LEU B 236 5.55 -1.23 -25.87
C LEU B 236 6.50 -0.30 -26.65
N ASN B 237 6.18 1.00 -26.70
CA ASN B 237 7.09 1.97 -27.28
C ASN B 237 8.30 2.39 -26.43
N HIS B 238 8.47 1.80 -25.25
CA HIS B 238 9.72 1.97 -24.47
C HIS B 238 10.66 0.80 -24.57
N ILE B 239 10.32 -0.22 -25.36
CA ILE B 239 11.18 -1.43 -25.46
C ILE B 239 12.51 -1.12 -26.09
N GLU B 240 12.51 -0.42 -27.20
CA GLU B 240 13.80 -0.04 -27.80
C GLU B 240 14.71 0.76 -26.84
N PRO B 241 14.24 1.92 -26.36
CA PRO B 241 15.02 2.62 -25.35
C PRO B 241 15.46 1.79 -24.16
N LEU B 242 14.60 0.91 -23.63
CA LEU B 242 15.05 0.07 -22.50
C LEU B 242 16.11 -0.97 -22.90
N LYS B 243 16.01 -1.48 -24.11
CA LYS B 243 17.05 -2.45 -24.56
C LYS B 243 18.40 -1.73 -24.66
N ILE B 244 18.41 -0.50 -25.18
CA ILE B 244 19.65 0.29 -25.17
C ILE B 244 20.16 0.45 -23.75
N GLN B 245 19.29 0.79 -22.81
CA GLN B 245 19.72 1.00 -21.43
C GLN B 245 20.30 -0.25 -20.77
N LEU B 246 19.70 -1.42 -20.99
CA LEU B 246 20.20 -2.66 -20.38
C LEU B 246 21.61 -3.03 -20.88
N GLN B 247 22.05 -2.49 -22.01
CA GLN B 247 23.41 -2.71 -22.44
C GLN B 247 24.49 -1.93 -21.67
N ARG B 248 24.14 -1.04 -20.76
CA ARG B 248 25.09 -0.06 -20.20
C ARG B 248 25.44 -0.49 -18.80
N GLU B 249 26.70 -0.32 -18.39
CA GLU B 249 27.08 -0.76 -17.05
C GLU B 249 26.72 0.30 -16.00
N PRO B 250 26.07 -0.13 -14.92
CA PRO B 250 25.83 0.71 -13.74
C PRO B 250 27.12 1.31 -13.26
N ARG B 251 27.05 2.53 -12.76
CA ARG B 251 28.17 3.22 -12.16
C ARG B 251 27.85 3.49 -10.74
N PRO B 252 28.84 3.80 -9.93
CA PRO B 252 28.49 4.05 -8.51
C PRO B 252 27.44 5.17 -8.31
N PHE B 253 26.57 5.00 -7.32
CA PHE B 253 25.54 6.01 -7.05
C PHE B 253 26.19 7.27 -6.51
N PRO B 254 25.55 8.40 -6.75
CA PRO B 254 26.05 9.64 -6.16
C PRO B 254 25.75 9.73 -4.67
N LYS B 255 26.22 10.81 -4.05
CA LYS B 255 25.77 11.16 -2.71
C LYS B 255 24.86 12.36 -2.75
N LEU B 256 24.02 12.49 -1.73
CA LEU B 256 23.21 13.71 -1.57
C LEU B 256 23.74 14.42 -0.31
N ARG B 257 23.92 15.73 -0.37
CA ARG B 257 24.36 16.52 0.77
C ARG B 257 23.32 17.62 1.00
N ILE B 258 22.91 17.78 2.25
CA ILE B 258 22.04 18.87 2.64
C ILE B 258 22.96 19.97 3.20
N LEU B 259 22.94 21.12 2.54
CA LEU B 259 23.94 22.20 2.75
C LEU B 259 23.68 23.14 3.92
N ARG B 260 22.54 23.01 4.58
CA ARG B 260 22.27 23.78 5.77
C ARG B 260 21.27 23.05 6.70
N LYS B 261 21.33 23.46 7.97
CA LYS B 261 20.53 22.91 9.04
C LYS B 261 19.11 23.53 8.92
N VAL B 262 18.09 22.70 8.84
CA VAL B 262 16.73 23.10 8.52
C VAL B 262 15.86 22.35 9.53
N GLU B 263 14.98 23.07 10.18
CA GLU B 263 14.17 22.59 11.31
C GLU B 263 12.77 22.13 10.89
N LYS B 264 12.23 22.73 9.84
CA LYS B 264 10.87 22.45 9.38
C LYS B 264 10.87 22.05 7.92
N ILE B 265 10.01 21.10 7.60
CA ILE B 265 9.99 20.53 6.25
C ILE B 265 9.64 21.59 5.22
N ASP B 266 8.69 22.44 5.58
CA ASP B 266 8.34 23.58 4.78
C ASP B 266 9.45 24.56 4.43
N ASP B 267 10.57 24.57 5.15
CA ASP B 267 11.68 25.54 4.92
C ASP B 267 12.76 25.10 3.96
N PHE B 268 12.71 23.86 3.46
CA PHE B 268 13.65 23.42 2.48
C PHE B 268 13.45 24.20 1.18
N LYS B 269 14.55 24.50 0.51
CA LYS B 269 14.61 25.20 -0.76
C LYS B 269 15.50 24.37 -1.66
N ALA B 270 15.33 24.55 -2.97
CA ALA B 270 16.11 23.80 -3.96
C ALA B 270 17.61 23.94 -3.75
N GLU B 271 18.05 25.14 -3.41
CA GLU B 271 19.49 25.43 -3.15
C GLU B 271 20.09 24.71 -1.88
N ASP B 272 19.24 24.17 -0.99
CA ASP B 272 19.73 23.37 0.11
C ASP B 272 20.28 21.97 -0.28
N PHE B 273 20.10 21.52 -1.51
CA PHE B 273 20.47 20.14 -1.93
C PHE B 273 21.58 20.11 -2.95
N GLN B 274 22.58 19.28 -2.72
CA GLN B 274 23.63 19.08 -3.68
C GLN B 274 23.87 17.63 -3.87
N ILE B 275 23.78 17.21 -5.10
CA ILE B 275 24.08 15.86 -5.54
C ILE B 275 25.57 15.79 -5.93
N GLU B 276 26.33 14.85 -5.41
CA GLU B 276 27.77 14.84 -5.64
C GLU B 276 28.16 13.57 -6.35
N GLY B 277 29.00 13.71 -7.38
CA GLY B 277 29.55 12.55 -8.08
C GLY B 277 28.51 11.80 -8.92
N TYR B 278 27.53 12.52 -9.47
CA TYR B 278 26.60 11.92 -10.36
C TYR B 278 27.19 11.86 -11.76
N ASN B 279 27.48 10.67 -12.25
CA ASN B 279 28.09 10.53 -13.56
C ASN B 279 27.40 9.47 -14.45
N PRO B 280 26.13 9.75 -14.87
CA PRO B 280 25.37 8.71 -15.53
C PRO B 280 25.69 8.65 -16.99
N HIS B 281 25.26 7.58 -17.64
CA HIS B 281 25.18 7.49 -19.09
C HIS B 281 24.13 8.50 -19.56
N PRO B 282 24.14 8.83 -20.87
CA PRO B 282 23.23 9.86 -21.31
C PRO B 282 21.75 9.59 -21.05
N THR B 283 21.01 10.70 -21.01
CA THR B 283 19.55 10.73 -21.13
C THR B 283 19.07 9.80 -22.25
N ILE B 284 18.00 9.03 -21.99
CA ILE B 284 17.34 8.31 -23.06
C ILE B 284 15.94 8.86 -23.13
N LYS B 285 15.53 9.34 -24.30
CA LYS B 285 14.16 9.87 -24.52
C LYS B 285 13.10 8.76 -24.50
N MET B 286 12.01 8.95 -23.80
CA MET B 286 10.93 7.99 -23.84
C MET B 286 9.62 8.73 -23.85
N GLU B 287 8.82 8.46 -24.87
CA GLU B 287 7.48 9.01 -25.06
C GLU B 287 6.56 8.86 -23.79
N MET B 288 5.83 9.90 -23.44
CA MET B 288 4.94 9.84 -22.30
C MET B 288 3.58 9.40 -22.80
N ALA B 289 3.09 8.27 -22.32
CA ALA B 289 1.71 7.87 -22.66
C ALA B 289 0.68 8.72 -21.84
N VAL B 290 -0.24 9.41 -22.49
CA VAL B 290 -1.20 10.31 -21.77
C VAL B 290 -2.52 9.60 -21.28
N1 UMP C . -2.82 -7.39 13.44
C2 UMP C . -2.54 -8.24 12.37
N3 UMP C . -3.70 -8.54 11.59
C4 UMP C . -5.00 -8.03 11.76
C5 UMP C . -5.24 -7.10 12.83
C6 UMP C . -4.08 -6.74 13.65
O2 UMP C . -1.49 -8.81 12.17
O4 UMP C . -5.85 -8.37 10.98
C1' UMP C . -1.73 -7.03 14.30
C2' UMP C . -0.45 -6.38 13.93
C3' UMP C . -0.03 -5.76 15.17
C4' UMP C . -1.29 -5.52 15.93
O3' UMP C . 0.75 -6.70 15.90
O4' UMP C . -2.23 -6.49 15.49
C5' UMP C . -1.81 -4.12 15.76
O5' UMP C . -1.08 -3.22 16.50
P UMP C . -0.54 -1.86 15.90
OP1 UMP C . 0.29 -2.18 14.70
OP2 UMP C . 0.39 -1.24 16.93
OP3 UMP C . -1.70 -1.02 15.45
C15 7Z9 D . -6.06 -12.47 14.53
C17 7Z9 D . -6.57 -13.79 16.46
C20 7Z9 D . -6.05 -13.62 13.77
C19 7Z9 D . -6.34 -14.82 14.37
C11 7Z9 D . -3.44 -9.97 15.79
C16 7Z9 D . -6.32 -12.56 15.91
C1 7Z9 D . -8.20 -9.39 14.22
C2 7Z9 D . -7.12 -8.98 15.17
C3 7Z9 D . -5.88 -9.61 15.01
C4 7Z9 D . -4.81 -9.31 15.91
C5 7Z9 D . -4.99 -8.36 16.85
C6 7Z9 D . -6.23 -7.68 17.02
C7 7Z9 D . -7.29 -8.00 16.14
N8 7Z9 D . -3.92 -8.04 17.74
C9 7Z9 D . -2.68 -8.64 17.65
N10 7Z9 D . -2.48 -9.69 16.68
O12 7Z9 D . -3.17 -10.80 14.97
N13 7Z9 D . -1.59 -8.34 18.49
S14 7Z9 D . -5.78 -10.90 13.75
N18 7Z9 D . -6.59 -14.89 15.70
N1 UMP E . 3.02 7.09 -13.54
C2 UMP E . 4.20 6.62 -12.94
N3 UMP E . 4.69 7.46 -11.97
C4 UMP E . 4.16 8.74 -11.56
C5 UMP E . 2.90 9.17 -12.16
C6 UMP E . 2.33 8.30 -13.17
O2 UMP E . 4.76 5.58 -13.23
O4 UMP E . 4.76 9.39 -10.72
C1' UMP E . 2.43 6.21 -14.55
C2' UMP E . 1.90 4.84 -14.38
C3' UMP E . 1.01 4.72 -15.51
C4' UMP E . 0.47 6.12 -15.73
O3' UMP E . 1.73 4.39 -16.65
O4' UMP E . 1.55 6.96 -15.41
C5' UMP E . -0.80 6.36 -15.01
O5' UMP E . -1.83 5.67 -15.67
P UMP E . -2.90 4.91 -14.86
OP1 UMP E . -2.26 3.83 -14.07
OP2 UMP E . -3.88 4.32 -15.87
OP3 UMP E . -3.71 5.82 -13.90
C15 7Z9 F . 7.43 11.11 -15.00
C17 7Z9 F . 8.00 12.32 -17.00
C20 7Z9 F . 8.77 11.03 -14.68
C19 7Z9 F . 9.68 11.56 -15.56
C11 7Z9 F . 4.77 8.57 -16.21
C16 7Z9 F . 7.02 11.80 -16.22
C1 7Z9 F . 4.49 12.67 -13.24
C2 7Z9 F . 3.88 11.77 -14.30
C3 7Z9 F . 4.60 10.64 -14.69
C4 7Z9 F . 4.06 9.82 -15.72
C5 7Z9 F . 2.88 10.15 -16.28
C6 7Z9 F . 2.12 11.28 -15.82
C7 7Z9 F . 2.66 12.06 -14.84
N8 7Z9 F . 2.30 9.31 -17.29
C9 7Z9 F . 3.02 8.22 -17.75
N10 7Z9 F . 4.26 7.85 -17.20
O12 7Z9 F . 5.81 8.22 -15.78
N13 7Z9 F . 2.55 7.40 -18.74
S14 7Z9 F . 6.20 10.37 -13.90
N18 7Z9 F . 9.29 12.21 -16.65
#